data_1FXF
#
_entry.id   1FXF
#
_cell.length_a   65.039
_cell.length_b   65.039
_cell.length_c   62.752
_cell.angle_alpha   90.00
_cell.angle_beta   90.00
_cell.angle_gamma   120.00
#
_symmetry.space_group_name_H-M   'P 31'
#
loop_
_entity.id
_entity.type
_entity.pdbx_description
1 polymer 'PHOSPHOLIPASE A2, MAJOR ISOENZYME'
2 non-polymer 'CALCIUM ION'
3 non-polymer 'PHOSPHATE ION'
4 non-polymer '1-HEXADECYL-3-TRIFLUOROETHYL-SN-GLYCERO-2-PHOSPHATE METHANE'
5 water water
#
_entity_poly.entity_id   1
_entity_poly.type   'polypeptide(L)'
_entity_poly.pdbx_seq_one_letter_code
;ALWQFRSMIKCAIPGSHPLMDFNNYGCYCGLGGSGTPVDELDRCCETHDNCYRDAKNLDSCKFLVDNPYTESYSYSCSNT
EITCNSKNNACEAFICNCDRNAAICFSKAPYNKEHKNLDTKKYC
;
_entity_poly.pdbx_strand_id   A,B
#
loop_
_chem_comp.id
_chem_comp.type
_chem_comp.name
_chem_comp.formula
CA non-polymer 'CALCIUM ION' 'Ca 2'
MJI non-polymer '1-HEXADECYL-3-TRIFLUOROETHYL-SN-GLYCERO-2-PHOSPHATE METHANE' 'C22 H44 F3 O6 P'
PO4 non-polymer 'PHOSPHATE ION' 'O4 P -3'
#
# COMPACT_ATOMS: atom_id res chain seq x y z
N ALA A 1 7.51 -2.50 8.52
CA ALA A 1 6.29 -1.78 8.16
C ALA A 1 6.30 -1.57 6.65
N LEU A 2 5.13 -1.38 6.08
CA LEU A 2 4.99 -1.21 4.65
C LEU A 2 5.92 -0.14 4.08
N TRP A 3 5.96 1.04 4.71
CA TRP A 3 6.86 2.07 4.19
C TRP A 3 8.31 1.60 4.18
N GLN A 4 8.71 0.78 5.14
CA GLN A 4 10.08 0.27 5.19
C GLN A 4 10.36 -0.72 4.06
N PHE A 5 9.37 -1.54 3.72
CA PHE A 5 9.47 -2.47 2.59
C PHE A 5 9.61 -1.69 1.30
N ARG A 6 8.88 -0.59 1.15
CA ARG A 6 9.08 0.20 -0.07
C ARG A 6 10.49 0.77 -0.10
N SER A 7 10.92 1.18 1.10
CA SER A 7 12.26 1.77 1.20
C SER A 7 13.30 0.78 0.70
N MET A 8 13.12 -0.48 1.13
CA MET A 8 14.05 -1.51 0.69
C MET A 8 13.95 -1.77 -0.79
N ILE A 9 12.78 -1.53 -1.39
CA ILE A 9 12.71 -1.81 -2.84
C ILE A 9 13.48 -0.75 -3.61
N LYS A 10 13.35 0.48 -3.11
CA LYS A 10 14.15 1.59 -3.62
C LYS A 10 15.62 1.36 -3.33
N CYS A 11 15.95 0.74 -2.20
CA CYS A 11 17.41 0.57 -1.99
C CYS A 11 17.95 -0.42 -3.02
N ALA A 12 17.24 -1.53 -3.16
CA ALA A 12 17.70 -2.61 -4.02
C ALA A 12 17.59 -2.22 -5.49
N ILE A 13 16.65 -1.30 -5.74
CA ILE A 13 16.40 -0.90 -7.12
C ILE A 13 16.22 0.61 -7.13
N PRO A 14 17.36 1.26 -7.14
CA PRO A 14 17.51 2.69 -6.85
C PRO A 14 16.52 3.57 -7.61
N GLY A 15 16.32 3.31 -8.90
CA GLY A 15 15.38 4.13 -9.66
C GLY A 15 13.96 3.61 -9.69
N SER A 16 13.63 2.73 -8.73
CA SER A 16 12.32 2.09 -8.81
C SER A 16 11.22 2.99 -8.27
N HIS A 17 10.00 2.67 -8.71
CA HIS A 17 8.76 3.25 -8.22
C HIS A 17 7.92 2.11 -7.68
N PRO A 18 8.26 1.66 -6.48
CA PRO A 18 7.78 0.36 -6.00
C PRO A 18 6.28 0.17 -6.13
N LEU A 19 5.46 1.10 -5.64
CA LEU A 19 4.00 0.97 -5.80
C LEU A 19 3.63 0.93 -7.28
N MET A 20 4.19 1.88 -8.05
CA MET A 20 3.89 1.91 -9.47
C MET A 20 4.27 0.57 -10.11
N ASP A 21 5.43 0.06 -9.68
CA ASP A 21 6.07 -1.06 -10.35
C ASP A 21 5.52 -2.43 -9.95
N PHE A 22 5.23 -2.59 -8.67
CA PHE A 22 5.00 -3.91 -8.11
C PHE A 22 3.68 -4.06 -7.37
N ASN A 23 2.91 -2.98 -7.25
CA ASN A 23 1.53 -3.19 -6.77
C ASN A 23 0.73 -3.62 -8.00
N ASN A 24 -0.17 -4.57 -7.90
CA ASN A 24 -0.94 -4.94 -9.11
C ASN A 24 -0.02 -5.46 -10.19
N TYR A 25 0.74 -6.51 -9.91
CA TYR A 25 1.51 -7.25 -10.89
C TYR A 25 1.18 -8.72 -10.69
N GLY A 26 0.92 -9.45 -11.78
CA GLY A 26 0.81 -10.89 -11.59
C GLY A 26 -0.40 -11.24 -10.74
N CYS A 27 -0.33 -12.45 -10.15
CA CYS A 27 -1.42 -12.92 -9.30
C CYS A 27 -1.15 -12.64 -7.83
N TYR A 28 0.10 -12.30 -7.51
CA TYR A 28 0.50 -12.18 -6.12
C TYR A 28 1.08 -10.85 -5.75
N CYS A 29 1.65 -10.03 -6.63
CA CYS A 29 2.12 -8.74 -6.12
C CYS A 29 0.92 -7.79 -5.96
N GLY A 30 0.48 -7.63 -4.73
CA GLY A 30 -0.71 -6.81 -4.45
C GLY A 30 -1.38 -7.40 -3.22
N LEU A 31 -2.39 -6.74 -2.66
CA LEU A 31 -3.01 -7.38 -1.48
C LEU A 31 -3.60 -8.71 -1.94
N GLY A 32 -3.33 -9.79 -1.21
CA GLY A 32 -3.76 -11.10 -1.61
C GLY A 32 -2.95 -11.69 -2.76
N GLY A 33 -3.52 -12.69 -3.43
CA GLY A 33 -2.85 -13.50 -4.43
C GLY A 33 -3.28 -14.97 -4.43
N SER A 34 -3.96 -15.41 -5.47
CA SER A 34 -4.39 -16.80 -5.64
C SER A 34 -3.96 -17.27 -7.01
N GLY A 35 -4.14 -18.54 -7.35
CA GLY A 35 -3.72 -19.00 -8.66
C GLY A 35 -2.25 -19.38 -8.68
N THR A 36 -1.78 -19.75 -9.86
CA THR A 36 -0.41 -20.05 -10.19
C THR A 36 0.39 -18.78 -10.43
N PRO A 37 1.52 -18.48 -9.80
CA PRO A 37 2.22 -17.23 -10.12
C PRO A 37 2.60 -17.25 -11.60
N VAL A 38 2.53 -16.09 -12.23
CA VAL A 38 2.75 -16.05 -13.67
C VAL A 38 4.21 -16.05 -14.08
N ASP A 39 5.12 -15.71 -13.17
CA ASP A 39 6.54 -15.66 -13.53
C ASP A 39 7.45 -15.54 -12.32
N GLU A 40 8.74 -15.27 -12.55
CA GLU A 40 9.66 -15.27 -11.41
C GLU A 40 9.33 -14.13 -10.44
N LEU A 41 9.04 -12.97 -11.01
CA LEU A 41 8.72 -11.79 -10.20
C LEU A 41 7.47 -12.06 -9.36
N ASP A 42 6.45 -12.61 -10.02
CA ASP A 42 5.26 -13.03 -9.27
C ASP A 42 5.61 -14.03 -8.17
N ARG A 43 6.46 -15.02 -8.48
CA ARG A 43 6.78 -16.01 -7.43
C ARG A 43 7.50 -15.35 -6.27
N CYS A 44 8.30 -14.32 -6.51
CA CYS A 44 8.80 -13.51 -5.41
C CYS A 44 7.66 -13.04 -4.49
N CYS A 45 6.59 -12.52 -5.11
CA CYS A 45 5.52 -11.98 -4.27
C CYS A 45 4.84 -13.07 -3.47
N GLU A 46 4.63 -14.22 -4.10
CA GLU A 46 4.01 -15.35 -3.42
C GLU A 46 4.87 -15.75 -2.22
N THR A 47 6.17 -15.76 -2.44
CA THR A 47 7.09 -16.07 -1.32
C THR A 47 6.92 -15.06 -0.20
N HIS A 48 6.90 -13.76 -0.53
CA HIS A 48 6.68 -12.75 0.53
C HIS A 48 5.40 -13.03 1.30
N ASP A 49 4.33 -13.28 0.53
CA ASP A 49 3.02 -13.57 1.11
C ASP A 49 3.10 -14.77 2.07
N ASN A 50 3.61 -15.88 1.55
CA ASN A 50 3.91 -17.00 2.45
C ASN A 50 4.72 -16.62 3.69
N CYS A 51 5.77 -15.83 3.53
CA CYS A 51 6.63 -15.46 4.66
C CYS A 51 5.81 -14.74 5.71
N TYR A 52 4.91 -13.87 5.26
CA TYR A 52 4.16 -13.08 6.24
C TYR A 52 3.23 -14.01 7.02
N ARG A 53 2.60 -14.94 6.30
CA ARG A 53 1.70 -15.90 6.95
C ARG A 53 2.50 -16.65 8.02
N ASP A 54 3.72 -17.04 7.63
CA ASP A 54 4.63 -17.72 8.56
C ASP A 54 5.02 -16.82 9.73
N ALA A 55 5.14 -15.51 9.50
CA ALA A 55 5.41 -14.64 10.66
C ALA A 55 4.23 -14.64 11.61
N LYS A 56 3.02 -14.55 11.06
CA LYS A 56 1.83 -14.52 11.90
C LYS A 56 1.72 -15.78 12.75
N ASN A 57 2.22 -16.90 12.27
CA ASN A 57 2.25 -18.16 12.98
C ASN A 57 3.44 -18.28 13.93
N LEU A 58 4.36 -17.35 13.86
CA LEU A 58 5.64 -17.45 14.58
C LEU A 58 5.43 -17.27 16.07
N ASP A 59 6.06 -18.10 16.93
CA ASP A 59 5.82 -17.84 18.36
C ASP A 59 6.33 -16.46 18.75
N SER A 60 7.49 -16.05 18.25
CA SER A 60 8.09 -14.75 18.51
C SER A 60 7.17 -13.59 18.17
N CYS A 61 6.40 -13.75 17.12
CA CYS A 61 5.39 -12.76 16.73
C CYS A 61 4.07 -12.91 17.45
N LYS A 62 3.96 -13.70 18.54
CA LYS A 62 2.62 -13.87 19.11
C LYS A 62 1.99 -12.58 19.60
N PHE A 63 2.75 -11.51 19.85
CA PHE A 63 2.00 -10.34 20.33
C PHE A 63 1.72 -9.39 19.16
N LEU A 64 2.11 -9.87 17.99
CA LEU A 64 1.73 -9.16 16.77
C LEU A 64 0.23 -9.41 16.64
N VAL A 65 -0.61 -8.38 16.64
CA VAL A 65 -2.04 -8.67 16.64
C VAL A 65 -2.81 -8.04 15.49
N ASP A 66 -2.12 -7.57 14.49
CA ASP A 66 -2.49 -7.24 13.14
C ASP A 66 -1.45 -7.75 12.12
N ASN A 67 -1.62 -7.24 10.91
CA ASN A 67 -0.80 -7.41 9.75
C ASN A 67 0.68 -7.14 9.97
N PRO A 68 1.56 -8.03 9.51
CA PRO A 68 2.99 -7.76 9.65
C PRO A 68 3.41 -6.45 8.99
N TYR A 69 2.62 -5.92 8.05
CA TYR A 69 2.96 -4.61 7.48
C TYR A 69 2.85 -3.49 8.53
N THR A 70 2.26 -3.78 9.69
CA THR A 70 2.13 -2.78 10.75
C THR A 70 3.29 -2.87 11.73
N GLU A 71 4.16 -3.86 11.52
CA GLU A 71 5.27 -4.06 12.47
C GLU A 71 6.52 -3.37 11.98
N SER A 72 7.05 -2.46 12.80
CA SER A 72 8.28 -1.76 12.44
C SER A 72 9.52 -2.55 12.83
N TYR A 73 10.53 -2.39 11.97
CA TYR A 73 11.81 -3.02 12.26
C TYR A 73 12.92 -1.99 12.05
N SER A 74 14.14 -2.38 12.39
CA SER A 74 15.25 -1.45 12.13
C SER A 74 16.06 -2.01 10.99
N TYR A 75 16.36 -1.17 10.00
CA TYR A 75 17.03 -1.69 8.81
C TYR A 75 17.85 -0.54 8.24
N SER A 76 18.80 -0.84 7.39
CA SER A 76 19.68 0.19 6.82
C SER A 76 19.98 -0.14 5.37
N CYS A 77 20.10 0.89 4.53
CA CYS A 77 20.48 0.62 3.13
C CYS A 77 21.95 0.98 2.93
N SER A 78 22.72 0.12 2.28
CA SER A 78 24.12 0.48 2.09
C SER A 78 24.54 0.23 0.64
N ASN A 79 24.52 1.30 -0.17
CA ASN A 79 24.94 1.20 -1.55
C ASN A 79 24.26 -0.01 -2.21
N THR A 80 22.95 0.04 -2.33
CA THR A 80 22.19 -1.08 -2.92
C THR A 80 22.07 -2.25 -1.97
N GLU A 81 22.84 -2.30 -0.89
CA GLU A 81 22.76 -3.45 0.01
C GLU A 81 21.86 -3.22 1.21
N ILE A 82 20.93 -4.14 1.46
CA ILE A 82 20.03 -4.06 2.60
C ILE A 82 20.51 -4.87 3.78
N THR A 83 20.47 -4.28 4.97
CA THR A 83 20.86 -5.05 6.15
C THR A 83 19.75 -4.95 7.18
N CYS A 84 19.30 -6.10 7.65
CA CYS A 84 18.33 -6.03 8.75
C CYS A 84 19.16 -5.77 9.99
N ASN A 85 18.91 -4.66 10.68
CA ASN A 85 19.84 -4.39 11.79
C ASN A 85 19.79 -5.46 12.86
N SER A 86 21.01 -5.88 13.21
CA SER A 86 21.23 -6.92 14.20
C SER A 86 20.51 -6.65 15.52
N LYS A 87 20.16 -5.41 15.82
CA LYS A 87 19.46 -5.16 17.08
C LYS A 87 18.03 -5.71 17.11
N ASN A 88 17.31 -5.76 16.01
CA ASN A 88 15.94 -6.23 15.90
C ASN A 88 15.57 -7.38 16.82
N ASN A 89 14.48 -7.25 17.58
CA ASN A 89 14.01 -8.41 18.35
C ASN A 89 13.47 -9.47 17.38
N ALA A 90 13.02 -10.64 17.82
CA ALA A 90 12.83 -11.78 16.93
C ALA A 90 11.75 -11.56 15.88
N CYS A 91 10.61 -11.04 16.29
CA CYS A 91 9.52 -10.83 15.32
C CYS A 91 9.90 -9.77 14.30
N GLU A 92 10.41 -8.63 14.78
CA GLU A 92 10.94 -7.61 13.88
C GLU A 92 12.01 -8.18 12.95
N ALA A 93 12.85 -9.13 13.42
CA ALA A 93 13.93 -9.53 12.49
C ALA A 93 13.42 -10.41 11.37
N PHE A 94 12.51 -11.29 11.74
CA PHE A 94 11.88 -12.23 10.82
C PHE A 94 11.08 -11.48 9.75
N ILE A 95 10.40 -10.40 10.16
CA ILE A 95 9.60 -9.67 9.15
C ILE A 95 10.52 -8.80 8.32
N CYS A 96 11.58 -8.29 8.95
CA CYS A 96 12.51 -7.48 8.13
C CYS A 96 13.16 -8.37 7.08
N ASN A 97 13.36 -9.62 7.51
CA ASN A 97 13.99 -10.60 6.61
C ASN A 97 13.08 -10.98 5.45
N CYS A 98 11.79 -11.17 5.72
CA CYS A 98 10.79 -11.39 4.67
C CYS A 98 10.92 -10.31 3.60
N ASP A 99 10.82 -9.07 4.09
CA ASP A 99 10.86 -7.93 3.19
C ASP A 99 12.20 -7.90 2.44
N ARG A 100 13.31 -8.02 3.16
CA ARG A 100 14.62 -7.90 2.49
C ARG A 100 14.75 -8.96 1.42
N ASN A 101 14.33 -10.22 1.68
CA ASN A 101 14.52 -11.19 0.61
C ASN A 101 13.65 -10.86 -0.60
N ALA A 102 12.44 -10.36 -0.32
CA ALA A 102 11.54 -10.04 -1.45
C ALA A 102 12.11 -8.91 -2.29
N ALA A 103 12.73 -7.95 -1.58
CA ALA A 103 13.38 -6.80 -2.20
C ALA A 103 14.49 -7.26 -3.14
N ILE A 104 15.35 -8.11 -2.59
CA ILE A 104 16.44 -8.69 -3.42
C ILE A 104 15.85 -9.54 -4.53
N CYS A 105 14.77 -10.26 -4.19
CA CYS A 105 14.12 -11.08 -5.21
C CYS A 105 13.62 -10.19 -6.34
N PHE A 106 12.90 -9.13 -5.98
CA PHE A 106 12.48 -8.19 -7.03
C PHE A 106 13.65 -7.75 -7.89
N SER A 107 14.77 -7.41 -7.25
CA SER A 107 15.86 -6.83 -8.04
C SER A 107 16.46 -7.86 -9.00
N LYS A 108 16.34 -9.14 -8.73
CA LYS A 108 16.94 -10.11 -9.65
C LYS A 108 15.98 -10.68 -10.68
N ALA A 109 14.66 -10.63 -10.47
CA ALA A 109 13.82 -11.30 -11.47
C ALA A 109 13.57 -10.40 -12.67
N PRO A 110 13.22 -10.96 -13.82
CA PRO A 110 12.83 -10.12 -14.96
C PRO A 110 11.47 -9.47 -14.72
N TYR A 111 11.32 -8.21 -15.13
CA TYR A 111 10.05 -7.51 -15.11
C TYR A 111 9.32 -7.69 -16.44
N ASN A 112 8.17 -8.35 -16.46
CA ASN A 112 7.46 -8.52 -17.73
C ASN A 112 6.24 -7.62 -17.77
N LYS A 113 6.32 -6.51 -18.49
CA LYS A 113 5.30 -5.47 -18.56
C LYS A 113 3.92 -6.04 -18.78
N GLU A 114 3.83 -7.10 -19.60
CA GLU A 114 2.51 -7.64 -19.91
C GLU A 114 1.93 -8.36 -18.71
N HIS A 115 2.75 -8.56 -17.67
CA HIS A 115 2.12 -9.30 -16.57
C HIS A 115 1.49 -8.33 -15.58
N LYS A 116 1.66 -7.04 -15.82
CA LYS A 116 1.16 -6.03 -14.90
C LYS A 116 -0.35 -5.82 -15.06
N ASN A 117 -1.03 -5.55 -13.95
CA ASN A 117 -2.42 -5.14 -14.06
C ASN A 117 -3.25 -6.22 -14.74
N LEU A 118 -3.18 -7.41 -14.16
CA LEU A 118 -3.95 -8.52 -14.69
C LEU A 118 -5.39 -8.44 -14.19
N ASP A 119 -6.32 -8.96 -14.97
CA ASP A 119 -7.65 -9.31 -14.50
C ASP A 119 -7.49 -10.59 -13.69
N THR A 120 -7.25 -10.41 -12.41
CA THR A 120 -6.92 -11.56 -11.57
C THR A 120 -8.12 -12.45 -11.42
N LYS A 121 -9.31 -11.91 -11.72
CA LYS A 121 -10.45 -12.82 -11.53
C LYS A 121 -10.58 -13.77 -12.71
N LYS A 122 -10.07 -13.39 -13.88
CA LYS A 122 -10.05 -14.32 -15.00
C LYS A 122 -8.77 -15.13 -15.06
N TYR A 123 -7.68 -14.71 -14.41
CA TYR A 123 -6.46 -15.46 -14.77
C TYR A 123 -5.71 -15.96 -13.56
N CYS A 124 -6.22 -15.68 -12.38
CA CYS A 124 -5.56 -16.16 -11.16
C CYS A 124 -6.46 -17.08 -10.37
N ALA B 1 -4.97 4.91 -9.53
CA ALA B 1 -4.14 3.82 -8.99
C ALA B 1 -3.55 4.22 -7.66
N LEU B 2 -3.19 3.27 -6.80
CA LEU B 2 -2.68 3.68 -5.49
C LEU B 2 -1.42 4.53 -5.60
N TRP B 3 -0.54 4.29 -6.60
CA TRP B 3 0.69 5.09 -6.61
C TRP B 3 0.33 6.56 -6.82
N GLN B 4 -0.77 6.76 -7.54
CA GLN B 4 -1.20 8.13 -7.81
C GLN B 4 -1.74 8.78 -6.55
N PHE B 5 -2.51 8.01 -5.78
CA PHE B 5 -2.99 8.55 -4.50
C PHE B 5 -1.77 9.02 -3.69
N ARG B 6 -0.73 8.19 -3.66
CA ARG B 6 0.50 8.52 -2.96
C ARG B 6 1.08 9.83 -3.43
N SER B 7 1.03 10.05 -4.75
CA SER B 7 1.60 11.34 -5.20
C SER B 7 0.62 12.48 -4.99
N MET B 8 -0.68 12.16 -5.02
CA MET B 8 -1.64 13.20 -4.68
C MET B 8 -1.38 13.77 -3.29
N ILE B 9 -1.23 12.87 -2.32
CA ILE B 9 -0.92 13.33 -0.97
C ILE B 9 0.35 14.16 -0.95
N LYS B 10 1.40 13.72 -1.65
CA LYS B 10 2.63 14.51 -1.57
C LYS B 10 2.44 15.91 -2.17
N CYS B 11 1.49 16.03 -3.09
CA CYS B 11 1.08 17.27 -3.73
C CYS B 11 0.44 18.23 -2.73
N ALA B 12 -0.62 17.78 -2.06
CA ALA B 12 -1.33 18.65 -1.12
C ALA B 12 -0.54 18.90 0.15
N ILE B 13 0.36 17.95 0.45
CA ILE B 13 1.05 17.99 1.73
C ILE B 13 2.56 17.80 1.51
N PRO B 14 3.19 18.93 1.22
CA PRO B 14 4.61 19.02 0.93
C PRO B 14 5.48 18.16 1.84
N GLY B 15 5.36 18.24 3.15
CA GLY B 15 6.22 17.40 3.99
C GLY B 15 6.26 15.91 3.73
N SER B 16 5.14 15.24 3.79
CA SER B 16 4.62 13.92 3.63
C SER B 16 5.52 12.79 3.16
N HIS B 17 5.48 11.70 3.91
CA HIS B 17 5.70 10.30 3.67
C HIS B 17 4.37 9.54 3.78
N PRO B 18 3.62 9.47 2.71
CA PRO B 18 2.22 8.98 2.81
C PRO B 18 2.10 7.59 3.41
N LEU B 19 2.93 6.64 2.96
CA LEU B 19 2.82 5.27 3.44
C LEU B 19 3.12 5.18 4.94
N MET B 20 4.01 6.05 5.37
CA MET B 20 4.56 6.19 6.70
C MET B 20 3.59 6.90 7.64
N ASP B 21 3.08 8.09 7.29
CA ASP B 21 2.16 8.64 8.28
C ASP B 21 0.73 8.23 8.03
N PHE B 22 0.32 8.06 6.75
CA PHE B 22 -1.15 7.87 6.73
C PHE B 22 -1.52 6.43 6.86
N ASN B 23 -0.66 5.51 6.40
CA ASN B 23 -0.96 4.10 6.58
C ASN B 23 -0.83 3.70 8.05
N ASN B 24 -1.70 2.79 8.46
CA ASN B 24 -1.82 2.31 9.83
C ASN B 24 -2.08 3.47 10.79
N TYR B 25 -3.10 4.26 10.47
CA TYR B 25 -3.55 5.35 11.34
C TYR B 25 -5.02 5.12 11.73
N GLY B 26 -5.29 5.17 13.02
CA GLY B 26 -6.65 5.09 13.53
C GLY B 26 -7.35 3.79 13.24
N CYS B 27 -8.68 3.82 13.06
CA CYS B 27 -9.38 2.60 12.68
C CYS B 27 -9.57 2.46 11.17
N TYR B 28 -9.33 3.52 10.39
CA TYR B 28 -9.69 3.42 8.97
C TYR B 28 -8.53 3.70 8.03
N CYS B 29 -7.46 4.33 8.50
CA CYS B 29 -6.32 4.54 7.59
C CYS B 29 -5.45 3.28 7.59
N GLY B 30 -5.71 2.45 6.60
CA GLY B 30 -5.09 1.14 6.45
C GLY B 30 -6.09 0.15 5.86
N LEU B 31 -5.77 -1.13 5.91
CA LEU B 31 -6.64 -2.14 5.31
C LEU B 31 -7.96 -2.24 6.03
N GLY B 32 -9.01 -2.59 5.30
CA GLY B 32 -10.32 -2.63 5.88
C GLY B 32 -10.65 -1.35 6.65
N GLY B 33 -11.19 -1.53 7.86
CA GLY B 33 -11.75 -0.44 8.62
C GLY B 33 -13.16 -0.87 9.05
N SER B 34 -13.39 -0.80 10.33
CA SER B 34 -14.63 -1.06 11.04
C SER B 34 -14.58 -0.19 12.28
N GLY B 35 -15.63 -0.02 13.06
CA GLY B 35 -15.47 0.73 14.29
C GLY B 35 -15.83 2.18 14.13
N THR B 36 -15.63 2.94 15.20
CA THR B 36 -15.91 4.36 15.18
C THR B 36 -14.62 5.10 14.88
N PRO B 37 -14.56 5.88 13.80
CA PRO B 37 -13.33 6.62 13.51
C PRO B 37 -12.86 7.37 14.74
N VAL B 38 -11.56 7.43 14.98
CA VAL B 38 -11.04 8.02 16.20
C VAL B 38 -10.78 9.52 16.13
N ASP B 39 -10.76 10.10 14.93
CA ASP B 39 -10.63 11.56 14.83
C ASP B 39 -11.01 11.98 13.41
N GLU B 40 -11.06 13.27 13.07
CA GLU B 40 -11.41 13.77 11.75
C GLU B 40 -10.57 13.14 10.65
N LEU B 41 -9.26 13.01 10.90
CA LEU B 41 -8.35 12.36 9.94
C LEU B 41 -8.82 10.94 9.65
N ASP B 42 -9.12 10.24 10.76
CA ASP B 42 -9.61 8.86 10.61
C ASP B 42 -10.91 8.84 9.83
N ARG B 43 -11.67 9.94 9.93
CA ARG B 43 -12.89 10.04 9.14
C ARG B 43 -12.54 10.29 7.68
N CYS B 44 -11.42 10.97 7.41
CA CYS B 44 -11.02 11.15 6.02
C CYS B 44 -10.84 9.76 5.38
N CYS B 45 -10.24 8.85 6.14
CA CYS B 45 -10.00 7.50 5.62
C CYS B 45 -11.28 6.70 5.55
N GLU B 46 -12.12 6.87 6.57
CA GLU B 46 -13.42 6.21 6.44
C GLU B 46 -14.13 6.72 5.18
N THR B 47 -14.21 8.04 4.99
CA THR B 47 -14.91 8.56 3.80
C THR B 47 -14.34 8.03 2.49
N HIS B 48 -13.01 7.99 2.32
CA HIS B 48 -12.40 7.43 1.13
C HIS B 48 -12.76 5.96 0.95
N ASP B 49 -12.82 5.21 2.05
CA ASP B 49 -13.19 3.80 1.95
C ASP B 49 -14.59 3.65 1.34
N ASN B 50 -15.48 4.53 1.80
CA ASN B 50 -16.86 4.53 1.35
C ASN B 50 -16.98 5.01 -0.09
N CYS B 51 -16.08 5.92 -0.47
CA CYS B 51 -16.08 6.41 -1.84
C CYS B 51 -15.74 5.28 -2.79
N TYR B 52 -14.75 4.50 -2.35
CA TYR B 52 -14.31 3.34 -3.12
C TYR B 52 -15.41 2.30 -3.16
N ARG B 53 -16.19 2.18 -2.08
CA ARG B 53 -17.31 1.23 -2.14
C ARG B 53 -18.33 1.77 -3.14
N ASP B 54 -18.51 3.08 -3.05
CA ASP B 54 -19.39 3.73 -4.03
C ASP B 54 -18.85 3.43 -5.43
N ALA B 55 -17.59 3.77 -5.72
CA ALA B 55 -16.99 3.47 -7.02
C ALA B 55 -17.26 2.07 -7.52
N LYS B 56 -17.12 1.03 -6.69
CA LYS B 56 -17.46 -0.29 -7.20
C LYS B 56 -18.96 -0.46 -7.47
N ASN B 57 -19.84 0.32 -6.82
CA ASN B 57 -21.25 0.05 -7.15
C ASN B 57 -21.73 0.99 -8.24
N LEU B 58 -20.83 1.79 -8.80
CA LEU B 58 -21.24 2.81 -9.78
C LEU B 58 -21.22 2.17 -11.16
N ASP B 59 -22.35 2.24 -11.85
CA ASP B 59 -22.57 1.74 -13.19
C ASP B 59 -21.39 2.08 -14.09
N SER B 60 -20.91 3.33 -14.05
CA SER B 60 -19.77 3.66 -14.93
C SER B 60 -18.52 2.84 -14.64
N CYS B 61 -18.46 2.16 -13.49
CA CYS B 61 -17.26 1.39 -13.16
C CYS B 61 -17.54 -0.09 -13.32
N LYS B 62 -18.65 -0.42 -14.02
CA LYS B 62 -19.02 -1.85 -14.03
C LYS B 62 -17.97 -2.78 -14.63
N PHE B 63 -17.07 -2.30 -15.48
CA PHE B 63 -16.10 -3.16 -16.16
C PHE B 63 -14.77 -3.26 -15.39
N LEU B 64 -14.80 -2.63 -14.23
CA LEU B 64 -13.71 -2.59 -13.26
C LEU B 64 -14.03 -3.69 -12.25
N VAL B 65 -13.50 -4.90 -12.50
CA VAL B 65 -13.96 -5.95 -11.57
C VAL B 65 -13.04 -6.04 -10.36
N ASP B 66 -11.85 -5.46 -10.49
CA ASP B 66 -10.93 -5.42 -9.36
C ASP B 66 -11.28 -4.31 -8.35
N ASN B 67 -10.21 -3.86 -7.71
CA ASN B 67 -10.35 -2.83 -6.67
C ASN B 67 -9.91 -1.49 -7.25
N PRO B 68 -10.56 -0.40 -6.88
CA PRO B 68 -10.26 0.90 -7.51
C PRO B 68 -8.81 1.31 -7.42
N TYR B 69 -8.06 0.81 -6.43
CA TYR B 69 -6.63 1.11 -6.37
C TYR B 69 -5.91 0.61 -7.61
N THR B 70 -6.51 -0.33 -8.36
CA THR B 70 -5.78 -0.75 -9.55
C THR B 70 -6.24 -0.01 -10.79
N GLU B 71 -7.10 0.99 -10.61
CA GLU B 71 -7.55 1.76 -11.78
C GLU B 71 -6.68 3.00 -11.92
N SER B 72 -5.97 3.11 -13.04
CA SER B 72 -5.18 4.30 -13.35
C SER B 72 -6.05 5.46 -13.83
N TYR B 73 -5.72 6.68 -13.44
CA TYR B 73 -6.49 7.81 -13.97
C TYR B 73 -5.52 8.89 -14.41
N SER B 74 -6.03 10.09 -14.72
CA SER B 74 -5.09 11.14 -15.11
C SER B 74 -5.21 12.30 -14.14
N TYR B 75 -4.11 12.78 -13.56
CA TYR B 75 -4.27 13.83 -12.56
C TYR B 75 -3.09 14.79 -12.67
N SER B 76 -3.20 15.99 -12.09
CA SER B 76 -2.04 16.87 -12.06
C SER B 76 -1.91 17.60 -10.75
N CYS B 77 -0.65 18.02 -10.55
CA CYS B 77 -0.25 18.75 -9.37
C CYS B 77 0.52 20.02 -9.77
N SER B 78 0.11 21.12 -9.20
CA SER B 78 0.66 22.46 -9.32
C SER B 78 0.41 23.24 -8.04
N ASN B 79 1.45 23.74 -7.38
CA ASN B 79 1.18 24.58 -6.22
C ASN B 79 0.38 23.89 -5.12
N THR B 80 0.63 22.58 -4.94
CA THR B 80 0.00 21.78 -3.90
C THR B 80 -1.51 21.65 -4.11
N GLU B 81 -1.88 21.94 -5.35
CA GLU B 81 -3.23 21.86 -5.88
C GLU B 81 -3.29 20.69 -6.86
N ILE B 82 -4.32 19.88 -6.65
CA ILE B 82 -4.58 18.65 -7.36
C ILE B 82 -5.65 18.85 -8.43
N THR B 83 -5.34 18.38 -9.62
CA THR B 83 -6.20 18.44 -10.79
C THR B 83 -6.63 17.08 -11.30
N CYS B 84 -7.93 16.80 -11.31
CA CYS B 84 -8.38 15.57 -11.97
C CYS B 84 -8.74 15.93 -13.41
N ASN B 85 -8.00 15.42 -14.37
CA ASN B 85 -8.18 15.80 -15.77
C ASN B 85 -9.59 15.70 -16.29
N SER B 86 -9.90 16.67 -17.17
CA SER B 86 -11.19 16.69 -17.81
C SER B 86 -11.39 15.45 -18.67
N LYS B 87 -10.27 14.93 -19.15
CA LYS B 87 -10.34 13.84 -20.11
C LYS B 87 -10.45 12.47 -19.46
N ASN B 88 -10.60 12.42 -18.13
CA ASN B 88 -10.91 11.12 -17.53
C ASN B 88 -12.30 10.66 -17.95
N ASN B 89 -12.39 9.38 -18.29
CA ASN B 89 -13.75 8.87 -18.55
C ASN B 89 -14.45 8.69 -17.20
N ALA B 90 -15.73 8.34 -17.14
CA ALA B 90 -16.45 8.55 -15.90
C ALA B 90 -15.91 7.77 -14.71
N CYS B 91 -15.63 6.48 -14.77
CA CYS B 91 -15.07 5.77 -13.61
C CYS B 91 -13.81 6.44 -13.09
N GLU B 92 -12.92 6.71 -14.04
CA GLU B 92 -11.60 7.24 -13.72
C GLU B 92 -11.77 8.58 -13.00
N ALA B 93 -12.69 9.39 -13.54
CA ALA B 93 -13.02 10.67 -12.92
C ALA B 93 -13.47 10.50 -11.48
N PHE B 94 -14.41 9.56 -11.29
CA PHE B 94 -14.92 9.29 -9.96
C PHE B 94 -13.78 8.90 -9.01
N ILE B 95 -13.01 7.88 -9.41
CA ILE B 95 -11.95 7.37 -8.53
C ILE B 95 -10.94 8.46 -8.28
N CYS B 96 -10.52 9.17 -9.31
CA CYS B 96 -9.63 10.32 -9.09
C CYS B 96 -10.20 11.29 -8.07
N ASN B 97 -11.50 11.53 -8.16
CA ASN B 97 -12.09 12.49 -7.21
C ASN B 97 -12.15 11.92 -5.79
N CYS B 98 -12.32 10.60 -5.59
CA CYS B 98 -12.20 10.05 -4.24
C CYS B 98 -10.82 10.30 -3.61
N ASP B 99 -9.81 10.19 -4.48
CA ASP B 99 -8.43 10.26 -4.04
C ASP B 99 -8.05 11.72 -3.78
N ARG B 100 -8.52 12.63 -4.62
CA ARG B 100 -8.29 14.06 -4.43
C ARG B 100 -8.95 14.54 -3.14
N ASN B 101 -10.22 14.14 -2.97
CA ASN B 101 -10.98 14.47 -1.77
C ASN B 101 -10.28 14.04 -0.48
N ALA B 102 -9.66 12.86 -0.55
CA ALA B 102 -8.98 12.30 0.61
C ALA B 102 -7.68 13.05 0.89
N ALA B 103 -6.90 13.31 -0.15
CA ALA B 103 -5.61 13.98 0.07
C ALA B 103 -5.84 15.39 0.62
N ILE B 104 -6.88 16.06 0.10
CA ILE B 104 -7.15 17.38 0.68
C ILE B 104 -7.54 17.31 2.15
N CYS B 105 -8.44 16.37 2.43
CA CYS B 105 -8.93 16.08 3.76
C CYS B 105 -7.76 15.78 4.69
N PHE B 106 -6.86 14.88 4.24
CA PHE B 106 -5.65 14.66 5.04
C PHE B 106 -4.95 15.95 5.38
N SER B 107 -4.94 16.89 4.45
CA SER B 107 -4.14 18.10 4.61
C SER B 107 -4.77 19.04 5.63
N LYS B 108 -6.04 18.86 5.96
CA LYS B 108 -6.55 19.87 6.90
C LYS B 108 -6.84 19.24 8.25
N ALA B 109 -6.86 17.90 8.26
CA ALA B 109 -7.17 17.23 9.51
C ALA B 109 -5.94 17.20 10.42
N PRO B 110 -6.11 17.49 11.70
CA PRO B 110 -5.01 17.32 12.65
C PRO B 110 -4.48 15.89 12.65
N TYR B 111 -3.16 15.79 12.73
CA TYR B 111 -2.50 14.49 12.86
C TYR B 111 -2.17 14.27 14.33
N ASN B 112 -2.74 13.24 14.92
CA ASN B 112 -2.63 12.94 16.33
C ASN B 112 -1.80 11.68 16.56
N LYS B 113 -0.53 11.92 16.84
CA LYS B 113 0.50 10.92 17.01
C LYS B 113 0.00 9.71 17.79
N GLU B 114 -0.80 9.97 18.81
CA GLU B 114 -1.25 8.88 19.66
C GLU B 114 -2.30 8.02 18.97
N HIS B 115 -2.75 8.48 17.79
CA HIS B 115 -3.71 7.62 17.08
C HIS B 115 -3.01 6.79 16.04
N LYS B 116 -1.68 6.91 15.93
CA LYS B 116 -0.99 6.11 14.95
C LYS B 116 -0.79 4.68 15.43
N ASN B 117 -0.90 3.71 14.53
CA ASN B 117 -0.60 2.31 14.84
C ASN B 117 -1.39 1.87 16.06
N LEU B 118 -2.70 2.06 15.97
CA LEU B 118 -3.66 1.65 16.99
C LEU B 118 -3.88 0.14 17.01
N ASP B 119 -4.06 -0.37 18.21
CA ASP B 119 -4.53 -1.75 18.39
C ASP B 119 -5.97 -1.83 17.89
N THR B 120 -6.14 -2.08 16.60
CA THR B 120 -7.48 -2.07 16.01
C THR B 120 -8.33 -3.22 16.53
N LYS B 121 -7.70 -4.35 16.82
CA LYS B 121 -8.44 -5.49 17.38
C LYS B 121 -9.13 -5.11 18.68
N LYS B 122 -8.38 -4.28 19.41
CA LYS B 122 -8.87 -3.86 20.71
C LYS B 122 -9.79 -2.65 20.63
N TYR B 123 -9.41 -1.65 19.83
CA TYR B 123 -10.09 -0.37 19.85
C TYR B 123 -10.99 -0.09 18.67
N CYS B 124 -11.09 -0.93 17.65
CA CYS B 124 -12.01 -0.52 16.56
C CYS B 124 -13.25 -1.39 16.41
CA CA C . 0.01 -10.62 -2.21
P PO4 D . 5.94 4.83 -5.85
O1 PO4 D . 5.08 5.87 -5.22
O2 PO4 D . 6.13 3.75 -4.83
O3 PO4 D . 7.25 5.44 -6.17
O4 PO4 D . 5.27 4.22 -7.01
P PO4 E . 10.16 -15.32 -16.37
O1 PO4 E . 9.05 -15.60 -17.30
O2 PO4 E . 11.35 -16.06 -16.86
O3 PO4 E . 9.92 -15.74 -14.98
O4 PO4 E . 10.43 -13.85 -16.40
C1 MJI F . -0.19 -4.72 -0.49
O1 MJI F . -0.17 -3.67 0.44
C2 MJI F . 1.18 -4.93 -1.03
O2 MJI F . 1.27 -6.06 -1.94
C3 MJI F . 1.60 -3.71 -1.80
O3 MJI F . 2.92 -3.93 -2.27
C31 MJI F . 3.75 -2.93 -1.78
C32 MJI F . 5.13 -3.13 -2.33
F31 MJI F . 5.92 -3.74 -1.43
F32 MJI F . 5.69 -1.96 -2.64
F33 MJI F . 5.12 -3.90 -3.42
P2 MJI F . 2.24 -7.28 -1.46
O21 MJI F . 1.99 -8.51 -2.31
O22 MJI F . 2.06 -7.40 0.03
C2P MJI F . 4.05 -6.60 -3.20
O23 MJI F . 3.66 -6.66 -1.81
C11 MJI F . -1.44 -3.20 0.80
C12 MJI F . -1.51 -1.72 0.51
C12 MJI F . -1.37 -2.51 2.14
C13 MJI F . -2.49 -1.02 1.42
C13 MJI F . -1.33 -3.52 3.27
C14 MJI F . -2.20 0.48 1.44
C14 MJI F . -1.40 -4.94 2.72
C15 MJI F . -3.49 1.29 1.45
C16 MJI F . -4.01 1.42 2.88
C17 MJI F . -4.71 2.76 3.04
C18 MJI F . -3.69 3.90 2.90
C19 MJI F . -4.25 5.10 3.65
C20 MJI F . -3.21 6.21 3.75
C21 MJI F . -2.73 6.63 2.37
C22 MJI F . -1.21 6.89 2.47
C23 MJI F . -0.60 5.56 2.04
C24 MJI F . -1.36 5.25 0.75
C25 MJI F . -0.67 6.10 -0.29
C26 MJI F . -1.56 6.32 -1.47
CA CA G . -9.12 1.70 4.89
P PO4 H . 6.30 6.88 1.79
O1 PO4 H . 7.21 5.80 1.33
O2 PO4 H . 4.91 6.60 1.28
O3 PO4 H . 6.77 8.17 1.21
O4 PO4 H . 6.25 6.95 3.26
P PO4 I . 9.47 9.65 -3.54
O1 PO4 I . 10.39 10.57 -4.24
O2 PO4 I . 8.22 9.53 -4.35
O3 PO4 I . 9.14 10.17 -2.19
O4 PO4 I . 10.11 8.32 -3.38
P PO4 J . -9.08 16.09 15.95
O1 PO4 J . -8.17 15.90 17.10
O2 PO4 J . -9.38 17.55 15.83
O3 PO4 J . -10.35 15.34 16.09
O4 PO4 J . -8.37 15.66 14.71
#